data_7SZS
#
_entry.id   7SZS
#
_cell.length_a   105.470
_cell.length_b   94.070
_cell.length_c   56.590
_cell.angle_alpha   90.000
_cell.angle_beta   108.600
_cell.angle_gamma   90.000
#
_symmetry.space_group_name_H-M   'C 1 2 1'
#
loop_
_entity.id
_entity.type
_entity.pdbx_description
1 polymer 'Probable GTP-binding protein EngB'
2 non-polymer "GUANOSINE-5'-DIPHOSPHATE"
3 non-polymer GLYCEROL
4 non-polymer 1,4-BUTANEDIOL
5 non-polymer R-1,2-PROPANEDIOL
6 water water
#
_entity_poly.entity_id   1
_entity_poly.type   'polypeptide(L)'
_entity_poly.pdbx_seq_one_letter_code
;MAHHHHHHMLTNWNYQLTHFVTSAPDIRHLPADTGIEVAFAGRSNAGKSSALNTLTNQKNLARTSKTPGRTQLINLFEVA
EGKRLVDLPGYGYAQVPEEMKIKWQRALGEYLEKRLCLKGLVVLMDIRHPLKDLDQQMIEWAVESDIQVLVLLTKADKLA
SGARKAQVNMVREAVLAFNGDVQVEPFSSLKKSGVDKLRQKLDSWFNEIPPQEAVEDAE
;
_entity_poly.pdbx_strand_id   A,B
#
loop_
_chem_comp.id
_chem_comp.type
_chem_comp.name
_chem_comp.formula
BU1 non-polymer 1,4-BUTANEDIOL 'C4 H10 O2'
GDP RNA linking GUANOSINE-5'-DIPHOSPHATE 'C10 H15 N5 O11 P2'
GOL non-polymer GLYCEROL 'C3 H8 O3'
PGR non-polymer R-1,2-PROPANEDIOL 'C3 H8 O2'
#
# COMPACT_ATOMS: atom_id res chain seq x y z
N HIS A 6 -22.57 3.42 8.94
CA HIS A 6 -21.19 3.54 8.49
C HIS A 6 -20.34 4.26 9.55
N HIS A 7 -19.19 3.66 9.89
CA HIS A 7 -18.34 4.13 10.97
C HIS A 7 -16.95 4.50 10.44
N HIS A 8 -16.22 5.25 11.26
CA HIS A 8 -14.90 5.73 10.85
C HIS A 8 -13.91 4.58 10.78
N MET A 9 -13.02 4.65 9.79
CA MET A 9 -11.96 3.67 9.59
C MET A 9 -10.74 4.40 9.09
N LEU A 10 -9.59 3.76 9.21
CA LEU A 10 -8.36 4.32 8.65
C LEU A 10 -8.42 4.28 7.13
N THR A 11 -8.44 5.47 6.51
CA THR A 11 -8.48 5.57 5.06
C THR A 11 -7.13 5.27 4.44
N ASN A 12 -7.13 4.46 3.37
CA ASN A 12 -5.95 4.29 2.52
C ASN A 12 -6.08 5.27 1.36
N TRP A 13 -5.38 6.40 1.45
CA TRP A 13 -5.52 7.43 0.44
C TRP A 13 -4.89 6.97 -0.86
N ASN A 14 -5.38 7.51 -1.97
CA ASN A 14 -4.85 7.17 -3.28
C ASN A 14 -3.76 8.18 -3.65
N TYR A 15 -2.50 7.81 -3.39
CA TYR A 15 -1.39 8.72 -3.65
C TYR A 15 -1.09 8.89 -5.13
N GLN A 16 -1.64 8.01 -5.99
CA GLN A 16 -1.44 8.21 -7.41
C GLN A 16 -2.32 9.32 -7.96
N LEU A 17 -3.24 9.86 -7.17
CA LEU A 17 -4.04 11.01 -7.56
C LEU A 17 -3.48 12.31 -7.02
N THR A 18 -2.33 12.26 -6.34
CA THR A 18 -1.66 13.46 -5.85
C THR A 18 -1.34 14.40 -7.00
N HIS A 19 -1.56 15.69 -6.81
CA HIS A 19 -1.26 16.61 -7.90
C HIS A 19 -0.61 17.87 -7.36
N PHE A 20 0.22 18.45 -8.22
CA PHE A 20 0.84 19.73 -7.96
C PHE A 20 -0.24 20.79 -7.72
N VAL A 21 -0.05 21.62 -6.69
CA VAL A 21 -0.94 22.76 -6.48
C VAL A 21 -0.20 24.08 -6.55
N THR A 22 0.96 24.19 -5.92
CA THR A 22 1.65 25.49 -5.95
C THR A 22 3.07 25.31 -5.48
N SER A 23 3.88 26.32 -5.78
CA SER A 23 5.22 26.44 -5.23
CA SER A 23 5.22 26.45 -5.25
C SER A 23 5.30 27.70 -4.38
N ALA A 24 6.34 27.76 -3.55
CA ALA A 24 6.53 28.91 -2.71
C ALA A 24 8.03 29.17 -2.59
N PRO A 25 8.46 30.43 -2.70
CA PRO A 25 9.88 30.73 -2.52
C PRO A 25 10.33 30.70 -1.06
N ASP A 26 9.42 30.75 -0.10
CA ASP A 26 9.74 30.80 1.32
C ASP A 26 8.45 30.51 2.10
N ILE A 27 8.57 30.46 3.43
CA ILE A 27 7.43 30.07 4.25
C ILE A 27 6.39 31.20 4.32
N ARG A 28 6.82 32.45 4.18
CA ARG A 28 5.87 33.57 4.20
C ARG A 28 4.90 33.51 3.03
N HIS A 29 5.22 32.77 1.98
CA HIS A 29 4.37 32.65 0.80
C HIS A 29 3.74 31.27 0.67
N LEU A 30 3.75 30.49 1.74
CA LEU A 30 3.01 29.24 1.76
C LEU A 30 1.50 29.52 1.85
N PRO A 31 0.66 28.54 1.46
CA PRO A 31 -0.78 28.72 1.66
C PRO A 31 -1.15 28.66 3.13
N ALA A 32 -2.43 28.89 3.45
CA ALA A 32 -2.87 28.94 4.84
C ALA A 32 -2.39 27.74 5.64
N ASP A 33 -2.06 27.99 6.89
CA ASP A 33 -1.50 26.99 7.80
C ASP A 33 -2.64 26.17 8.42
N THR A 34 -3.29 25.38 7.56
CA THR A 34 -4.47 24.62 7.92
C THR A 34 -4.37 23.24 7.29
N GLY A 35 -5.29 22.36 7.65
CA GLY A 35 -5.22 21.02 7.10
C GLY A 35 -4.04 20.23 7.67
N ILE A 36 -3.50 19.33 6.85
CA ILE A 36 -2.39 18.47 7.24
C ILE A 36 -1.32 18.53 6.17
N GLU A 37 -0.08 18.76 6.59
CA GLU A 37 1.08 18.66 5.71
C GLU A 37 2.01 17.56 6.18
N VAL A 38 2.57 16.84 5.22
CA VAL A 38 3.70 15.93 5.45
C VAL A 38 4.83 16.41 4.58
N ALA A 39 6.01 16.66 5.18
CA ALA A 39 7.14 17.21 4.46
C ALA A 39 8.16 16.13 4.11
N PHE A 40 8.89 16.37 3.03
CA PHE A 40 9.93 15.49 2.54
C PHE A 40 11.23 16.29 2.42
N ALA A 41 12.32 15.74 2.93
CA ALA A 41 13.60 16.45 2.93
C ALA A 41 14.75 15.46 2.77
N GLY A 42 15.87 15.98 2.29
CA GLY A 42 17.09 15.17 2.24
C GLY A 42 18.20 15.90 1.54
N ARG A 43 19.39 15.32 1.59
CA ARG A 43 20.51 15.87 0.83
C ARG A 43 20.18 15.84 -0.65
N SER A 44 20.58 16.87 -1.38
CA SER A 44 20.50 16.82 -2.84
CA SER A 44 20.49 16.81 -2.84
C SER A 44 21.12 15.52 -3.33
N ASN A 45 20.44 14.86 -4.27
CA ASN A 45 20.82 13.59 -4.90
C ASN A 45 20.51 12.37 -4.03
N ALA A 46 19.87 12.52 -2.87
CA ALA A 46 19.57 11.35 -2.06
C ALA A 46 18.47 10.49 -2.67
N GLY A 47 17.68 11.03 -3.59
CA GLY A 47 16.60 10.29 -4.19
C GLY A 47 15.21 10.78 -3.85
N LYS A 48 15.07 12.04 -3.45
CA LYS A 48 13.79 12.56 -3.01
C LYS A 48 12.78 12.69 -4.15
N SER A 49 13.19 13.28 -5.29
N SER A 49 13.20 13.28 -5.27
CA SER A 49 12.24 13.42 -6.38
CA SER A 49 12.27 13.43 -6.40
C SER A 49 11.83 12.06 -6.92
C SER A 49 11.83 12.08 -6.92
N SER A 50 12.77 11.12 -7.02
CA SER A 50 12.43 9.78 -7.49
C SER A 50 11.43 9.11 -6.57
N ALA A 51 11.58 9.30 -5.26
CA ALA A 51 10.65 8.68 -4.31
C ALA A 51 9.26 9.25 -4.46
N LEU A 52 9.16 10.58 -4.62
CA LEU A 52 7.85 11.20 -4.79
C LEU A 52 7.23 10.79 -6.12
N ASN A 53 8.06 10.73 -7.18
CA ASN A 53 7.58 10.26 -8.47
C ASN A 53 7.07 8.82 -8.37
N THR A 54 7.77 7.97 -7.61
CA THR A 54 7.36 6.58 -7.47
C THR A 54 6.06 6.46 -6.68
N LEU A 55 5.99 7.15 -5.54
CA LEU A 55 4.78 7.14 -4.71
C LEU A 55 3.55 7.55 -5.51
N THR A 56 3.68 8.58 -6.34
CA THR A 56 2.53 9.15 -7.03
C THR A 56 2.35 8.62 -8.43
N ASN A 57 3.22 7.71 -8.88
CA ASN A 57 3.25 7.22 -10.26
C ASN A 57 3.14 8.37 -11.27
N GLN A 58 4.01 9.38 -11.09
CA GLN A 58 4.08 10.50 -12.01
C GLN A 58 5.54 10.78 -12.36
N LYS A 59 5.80 11.06 -13.65
CA LYS A 59 7.16 11.04 -14.17
C LYS A 59 8.01 12.19 -13.64
N ASN A 60 7.41 13.34 -13.36
CA ASN A 60 8.15 14.53 -12.94
C ASN A 60 7.15 15.34 -12.11
N LEU A 61 6.83 14.81 -10.92
CA LEU A 61 5.75 15.39 -10.13
C LEU A 61 6.01 16.86 -9.81
N ALA A 62 7.25 17.20 -9.44
CA ALA A 62 7.57 18.58 -9.06
C ALA A 62 7.64 19.54 -10.24
N ARG A 63 7.51 19.06 -11.48
CA ARG A 63 7.54 19.91 -12.68
C ARG A 63 8.84 20.72 -12.76
N THR A 64 9.95 20.07 -12.43
CA THR A 64 11.26 20.69 -12.57
C THR A 64 11.63 20.80 -14.05
N SER A 65 12.24 21.91 -14.42
CA SER A 65 12.67 22.12 -15.81
C SER A 65 14.06 21.56 -16.04
N THR A 71 17.74 25.31 -7.07
CA THR A 71 16.44 25.90 -6.78
C THR A 71 16.09 25.76 -5.30
N GLN A 72 15.65 26.86 -4.70
CA GLN A 72 15.20 26.87 -3.31
C GLN A 72 13.69 26.86 -3.19
N LEU A 73 12.98 26.50 -4.25
CA LEU A 73 11.52 26.50 -4.19
C LEU A 73 11.01 25.36 -3.32
N ILE A 74 9.94 25.65 -2.59
CA ILE A 74 9.18 24.63 -1.85
C ILE A 74 8.02 24.23 -2.75
N ASN A 75 7.87 22.93 -3.04
CA ASN A 75 6.79 22.47 -3.89
C ASN A 75 5.73 21.81 -3.04
N LEU A 76 4.46 22.12 -3.32
CA LEU A 76 3.34 21.57 -2.57
C LEU A 76 2.40 20.82 -3.49
N PHE A 77 1.93 19.68 -3.00
CA PHE A 77 1.07 18.77 -3.75
C PHE A 77 -0.11 18.39 -2.88
N GLU A 78 -1.29 18.26 -3.48
CA GLU A 78 -2.47 17.83 -2.74
C GLU A 78 -2.73 16.37 -3.00
N VAL A 79 -2.79 15.58 -1.91
CA VAL A 79 -3.35 14.23 -1.99
C VAL A 79 -4.87 14.31 -2.09
N ALA A 80 -5.46 15.23 -1.34
CA ALA A 80 -6.90 15.48 -1.28
C ALA A 80 -7.04 16.84 -0.61
N GLU A 81 -8.25 17.38 -0.63
CA GLU A 81 -8.46 18.69 -0.04
C GLU A 81 -7.96 18.71 1.40
N GLY A 82 -7.06 19.64 1.70
CA GLY A 82 -6.55 19.79 3.05
C GLY A 82 -5.51 18.77 3.46
N LYS A 83 -4.98 17.99 2.51
CA LYS A 83 -3.96 16.98 2.80
C LYS A 83 -2.86 17.12 1.75
N ARG A 84 -1.72 17.63 2.19
CA ARG A 84 -0.66 18.05 1.28
C ARG A 84 0.67 17.37 1.57
N LEU A 85 1.41 17.08 0.51
CA LEU A 85 2.82 16.72 0.60
C LEU A 85 3.64 17.97 0.31
N VAL A 86 4.70 18.17 1.06
CA VAL A 86 5.54 19.35 0.93
C VAL A 86 6.96 18.88 0.60
N ASP A 87 7.47 19.28 -0.56
CA ASP A 87 8.81 18.91 -1.01
C ASP A 87 9.75 20.05 -0.66
N LEU A 88 10.58 19.87 0.39
CA LEU A 88 11.52 20.92 0.81
C LEU A 88 12.81 20.83 -0.01
N PRO A 89 13.38 21.97 -0.40
CA PRO A 89 14.58 21.95 -1.25
C PRO A 89 15.74 21.20 -0.61
N GLY A 90 16.38 20.35 -1.41
CA GLY A 90 17.45 19.52 -0.89
C GLY A 90 18.59 20.34 -0.31
N TYR A 91 19.21 19.79 0.74
CA TYR A 91 20.31 20.48 1.41
C TYR A 91 21.65 19.87 1.02
N GLY A 92 22.70 20.39 1.62
CA GLY A 92 24.06 20.07 1.22
C GLY A 92 24.75 21.29 0.65
N TYR A 93 24.20 21.82 -0.45
CA TYR A 93 24.64 23.10 -1.05
C TYR A 93 26.12 23.03 -1.44
N ALA A 94 26.38 22.24 -2.46
CA ALA A 94 27.74 22.12 -3.00
C ALA A 94 28.17 23.45 -3.61
N GLN A 95 29.30 23.98 -3.14
CA GLN A 95 29.90 25.21 -3.68
C GLN A 95 28.95 26.41 -3.53
N VAL A 96 28.52 26.65 -2.30
CA VAL A 96 27.60 27.74 -1.98
C VAL A 96 28.22 28.60 -0.88
N PRO A 97 28.09 29.93 -0.94
CA PRO A 97 28.70 30.78 0.09
C PRO A 97 28.13 30.50 1.46
N GLU A 98 28.98 30.60 2.48
CA GLU A 98 28.59 30.30 3.85
C GLU A 98 27.33 31.05 4.27
N GLU A 99 27.20 32.31 3.83
CA GLU A 99 26.04 33.12 4.21
C GLU A 99 24.75 32.50 3.67
N MET A 100 24.74 32.09 2.41
CA MET A 100 23.54 31.48 1.84
C MET A 100 23.27 30.12 2.46
N LYS A 101 24.32 29.33 2.71
CA LYS A 101 24.13 28.01 3.31
C LYS A 101 23.41 28.11 4.64
N ILE A 102 23.89 28.99 5.53
CA ILE A 102 23.28 29.16 6.84
C ILE A 102 21.83 29.63 6.69
N LYS A 103 21.59 30.57 5.77
CA LYS A 103 20.23 31.08 5.56
C LYS A 103 19.29 29.95 5.13
N TRP A 104 19.73 29.14 4.17
CA TRP A 104 18.85 28.09 3.65
C TRP A 104 18.62 26.98 4.67
N GLN A 105 19.66 26.63 5.44
CA GLN A 105 19.48 25.66 6.52
C GLN A 105 18.50 26.17 7.57
N ARG A 106 18.62 27.44 7.95
CA ARG A 106 17.73 28.00 8.96
C ARG A 106 16.29 27.99 8.48
N ALA A 107 16.08 28.21 7.18
CA ALA A 107 14.72 28.22 6.63
C ALA A 107 14.06 26.85 6.75
N LEU A 108 14.82 25.78 6.59
CA LEU A 108 14.28 24.44 6.81
C LEU A 108 13.85 24.28 8.26
N GLY A 109 14.70 24.69 9.19
CA GLY A 109 14.34 24.61 10.59
C GLY A 109 13.11 25.43 10.92
N GLU A 110 13.01 26.62 10.32
CA GLU A 110 11.87 27.49 10.59
C GLU A 110 10.58 26.85 10.13
N TYR A 111 10.59 26.21 8.96
CA TYR A 111 9.40 25.49 8.51
C TYR A 111 9.01 24.41 9.52
N LEU A 112 9.97 23.60 9.96
CA LEU A 112 9.63 22.50 10.85
C LEU A 112 9.09 23.00 12.18
N GLU A 113 9.62 24.11 12.69
CA GLU A 113 9.22 24.58 14.01
C GLU A 113 7.96 25.44 13.98
N LYS A 114 7.67 26.09 12.85
CA LYS A 114 6.58 27.07 12.83
C LYS A 114 5.36 26.64 12.02
N ARG A 115 5.45 25.57 11.23
CA ARG A 115 4.31 25.16 10.42
C ARG A 115 3.35 24.36 11.29
N LEU A 116 2.21 24.98 11.66
CA LEU A 116 1.32 24.36 12.62
C LEU A 116 0.59 23.15 12.05
N CYS A 117 0.40 23.11 10.73
CA CYS A 117 -0.33 22.00 10.11
C CYS A 117 0.56 20.81 9.80
N LEU A 118 1.86 20.89 10.10
CA LEU A 118 2.81 19.82 9.81
C LEU A 118 2.61 18.65 10.77
N LYS A 119 2.45 17.44 10.23
CA LYS A 119 2.23 16.27 11.05
C LYS A 119 3.33 15.22 10.92
N GLY A 120 4.14 15.27 9.89
CA GLY A 120 5.18 14.27 9.73
C GLY A 120 6.28 14.79 8.83
N LEU A 121 7.49 14.25 9.04
CA LEU A 121 8.65 14.55 8.21
C LEU A 121 9.26 13.26 7.70
N VAL A 122 9.42 13.15 6.38
CA VAL A 122 10.14 12.05 5.76
C VAL A 122 11.52 12.56 5.41
N VAL A 123 12.56 11.96 6.00
CA VAL A 123 13.95 12.31 5.70
C VAL A 123 14.53 11.18 4.87
N LEU A 124 14.91 11.50 3.65
CA LEU A 124 15.48 10.51 2.72
C LEU A 124 16.99 10.62 2.77
N MET A 125 17.66 9.48 2.91
CA MET A 125 19.11 9.48 2.94
C MET A 125 19.62 8.18 2.35
N ASP A 126 20.70 8.29 1.56
CA ASP A 126 21.32 7.13 0.94
C ASP A 126 21.64 6.06 1.99
N ILE A 127 21.15 4.84 1.75
CA ILE A 127 21.38 3.75 2.70
C ILE A 127 22.86 3.49 2.96
N ARG A 128 23.74 3.85 2.02
CA ARG A 128 25.16 3.62 2.20
C ARG A 128 25.81 4.67 3.09
N HIS A 129 25.21 5.86 3.21
CA HIS A 129 25.82 6.98 3.95
C HIS A 129 24.76 7.74 4.73
N PRO A 130 24.07 7.06 5.65
CA PRO A 130 23.00 7.73 6.41
C PRO A 130 23.56 8.71 7.44
N LEU A 131 22.71 9.66 7.83
CA LEU A 131 22.96 10.55 8.97
C LEU A 131 24.20 11.42 8.73
N LYS A 132 24.18 12.13 7.61
CA LYS A 132 25.25 13.03 7.23
C LYS A 132 24.68 14.40 6.91
N ASP A 133 25.55 15.41 6.92
CA ASP A 133 25.17 16.80 6.59
C ASP A 133 24.02 17.18 7.52
N LEU A 134 22.93 17.77 7.01
CA LEU A 134 21.87 18.26 7.89
C LEU A 134 20.90 17.16 8.32
N ASP A 135 21.14 15.89 7.96
CA ASP A 135 20.21 14.81 8.31
C ASP A 135 19.85 14.84 9.79
N GLN A 136 20.85 14.82 10.67
CA GLN A 136 20.58 14.73 12.10
CA GLN A 136 20.59 14.74 12.10
C GLN A 136 19.88 15.97 12.61
N GLN A 137 20.27 17.15 12.11
CA GLN A 137 19.60 18.39 12.53
C GLN A 137 18.13 18.38 12.13
N MET A 138 17.82 17.85 10.95
CA MET A 138 16.42 17.79 10.51
C MET A 138 15.59 16.91 11.42
N ILE A 139 16.11 15.72 11.74
CA ILE A 139 15.43 14.82 12.67
C ILE A 139 15.28 15.48 14.03
N GLU A 140 16.34 16.12 14.53
CA GLU A 140 16.28 16.77 15.85
C GLU A 140 15.24 17.88 15.87
N TRP A 141 15.22 18.73 14.84
CA TRP A 141 14.23 19.79 14.78
C TRP A 141 12.81 19.23 14.78
N ALA A 142 12.59 18.15 14.02
CA ALA A 142 11.26 17.56 13.99
C ALA A 142 10.86 17.02 15.36
N VAL A 143 11.75 16.29 16.05
CA VAL A 143 11.35 15.73 17.33
C VAL A 143 11.13 16.83 18.36
N GLU A 144 11.94 17.91 18.31
CA GLU A 144 11.72 19.02 19.24
C GLU A 144 10.37 19.66 19.03
N SER A 145 9.85 19.61 17.81
CA SER A 145 8.56 20.19 17.48
C SER A 145 7.43 19.17 17.55
N ASP A 146 7.68 17.99 18.13
CA ASP A 146 6.67 16.96 18.32
C ASP A 146 6.13 16.46 16.99
N ILE A 147 6.99 16.41 15.99
CA ILE A 147 6.69 15.88 14.65
C ILE A 147 7.25 14.46 14.56
N GLN A 148 6.43 13.49 14.15
CA GLN A 148 6.93 12.15 13.90
C GLN A 148 7.79 12.12 12.64
N VAL A 149 8.80 11.24 12.63
CA VAL A 149 9.76 11.18 11.54
C VAL A 149 9.77 9.78 10.94
N LEU A 150 9.84 9.71 9.62
CA LEU A 150 10.14 8.49 8.89
C LEU A 150 11.44 8.71 8.15
N VAL A 151 12.46 7.91 8.48
CA VAL A 151 13.70 7.90 7.72
C VAL A 151 13.59 6.84 6.63
N LEU A 152 13.76 7.24 5.37
CA LEU A 152 13.82 6.30 4.26
C LEU A 152 15.28 6.17 3.85
N LEU A 153 15.82 4.96 3.98
CA LEU A 153 17.18 4.66 3.53
C LEU A 153 17.10 4.29 2.06
N THR A 154 17.37 5.28 1.20
CA THR A 154 17.13 5.20 -0.23
C THR A 154 18.23 4.43 -0.94
N LYS A 155 17.96 4.10 -2.21
CA LYS A 155 18.88 3.36 -3.06
C LYS A 155 19.22 2.01 -2.43
N ALA A 156 18.25 1.43 -1.73
CA ALA A 156 18.48 0.19 -0.99
C ALA A 156 18.78 -0.98 -1.92
N ASP A 157 18.44 -0.86 -3.20
CA ASP A 157 18.80 -1.87 -4.21
C ASP A 157 20.30 -1.97 -4.46
N LYS A 158 21.09 -1.00 -3.99
CA LYS A 158 22.53 -1.06 -4.17
C LYS A 158 23.22 -2.01 -3.20
N LEU A 159 22.49 -2.52 -2.20
CA LEU A 159 23.05 -3.46 -1.23
C LEU A 159 22.34 -4.79 -1.33
N ALA A 160 23.10 -5.87 -1.12
CA ALA A 160 22.49 -7.18 -0.96
C ALA A 160 21.71 -7.23 0.35
N SER A 161 20.84 -8.25 0.46
CA SER A 161 19.85 -8.25 1.53
C SER A 161 20.50 -8.21 2.91
N GLY A 162 21.59 -8.95 3.10
CA GLY A 162 22.25 -8.94 4.40
C GLY A 162 22.82 -7.59 4.77
N ALA A 163 23.55 -6.96 3.84
CA ALA A 163 24.11 -5.64 4.09
C ALA A 163 23.01 -4.60 4.27
N ARG A 164 21.94 -4.72 3.50
CA ARG A 164 20.81 -3.80 3.62
C ARG A 164 20.23 -3.85 5.03
N LYS A 165 19.99 -5.06 5.54
CA LYS A 165 19.45 -5.20 6.89
C LYS A 165 20.43 -4.64 7.93
N ALA A 166 21.73 -4.82 7.72
CA ALA A 166 22.71 -4.31 8.67
C ALA A 166 22.65 -2.79 8.75
N GLN A 167 22.54 -2.11 7.61
CA GLN A 167 22.41 -0.65 7.60
C GLN A 167 21.12 -0.20 8.29
N VAL A 168 20.00 -0.87 7.97
CA VAL A 168 18.73 -0.52 8.60
C VAL A 168 18.86 -0.65 10.11
N ASN A 169 19.46 -1.76 10.59
CA ASN A 169 19.60 -1.95 12.02
C ASN A 169 20.51 -0.89 12.64
N MET A 170 21.59 -0.51 11.93
CA MET A 170 22.50 0.49 12.47
C MET A 170 21.80 1.83 12.65
N VAL A 171 20.97 2.19 11.68
CA VAL A 171 20.28 3.47 11.76
C VAL A 171 19.17 3.42 12.80
N ARG A 172 18.47 2.29 12.91
CA ARG A 172 17.45 2.17 13.95
C ARG A 172 18.07 2.34 15.34
N GLU A 173 19.25 1.76 15.55
CA GLU A 173 19.93 1.95 16.83
C GLU A 173 20.32 3.41 17.01
N ALA A 174 20.83 4.05 15.95
CA ALA A 174 21.34 5.40 16.07
C ALA A 174 20.23 6.39 16.38
N VAL A 175 19.04 6.20 15.82
CA VAL A 175 18.00 7.21 16.00
C VAL A 175 17.33 7.11 17.36
N LEU A 176 17.62 6.09 18.16
CA LEU A 176 17.14 6.07 19.54
C LEU A 176 17.66 7.27 20.32
N ALA A 177 18.76 7.89 19.89
CA ALA A 177 19.31 9.03 20.60
C ALA A 177 18.49 10.30 20.46
N PHE A 178 17.53 10.33 19.51
CA PHE A 178 16.62 11.47 19.37
C PHE A 178 15.42 11.27 20.26
N ASN A 179 14.99 12.34 20.92
CA ASN A 179 13.89 12.25 21.89
C ASN A 179 12.55 12.41 21.17
N GLY A 180 12.23 11.37 20.39
CA GLY A 180 10.99 11.41 19.64
C GLY A 180 10.73 10.11 18.92
N ASP A 181 9.75 10.16 18.02
CA ASP A 181 9.26 8.98 17.30
C ASP A 181 9.91 8.97 15.93
N VAL A 182 10.86 8.06 15.72
CA VAL A 182 11.60 7.98 14.46
C VAL A 182 11.54 6.55 13.95
N GLN A 183 10.85 6.34 12.82
CA GLN A 183 10.77 5.06 12.13
C GLN A 183 11.78 5.05 10.99
N VAL A 184 12.38 3.88 10.73
CA VAL A 184 13.42 3.73 9.71
C VAL A 184 13.04 2.58 8.79
N GLU A 185 13.05 2.82 7.47
CA GLU A 185 12.73 1.78 6.49
C GLU A 185 13.65 1.86 5.28
N PRO A 186 14.07 0.73 4.72
CA PRO A 186 14.76 0.75 3.43
C PRO A 186 13.78 1.10 2.31
N PHE A 187 14.30 1.67 1.24
CA PHE A 187 13.45 2.16 0.15
C PHE A 187 14.23 2.10 -1.16
N SER A 188 13.54 1.71 -2.23
CA SER A 188 14.13 1.77 -3.57
C SER A 188 13.09 2.25 -4.57
N SER A 189 13.27 3.47 -5.10
CA SER A 189 12.49 3.91 -6.24
C SER A 189 12.70 3.00 -7.44
N LEU A 190 13.94 2.55 -7.65
CA LEU A 190 14.25 1.79 -8.84
C LEU A 190 13.51 0.47 -8.87
N LYS A 191 13.46 -0.23 -7.74
CA LYS A 191 12.80 -1.53 -7.65
C LYS A 191 11.38 -1.42 -7.09
N LYS A 192 10.89 -0.20 -6.87
CA LYS A 192 9.54 0.03 -6.38
CA LYS A 192 9.54 0.03 -6.38
C LYS A 192 9.30 -0.75 -5.09
N SER A 193 10.23 -0.62 -4.16
CA SER A 193 10.20 -1.36 -2.90
C SER A 193 10.22 -0.40 -1.73
N GLY A 194 9.39 -0.68 -0.71
CA GLY A 194 9.27 0.24 0.39
C GLY A 194 8.18 1.27 0.20
N VAL A 195 7.51 1.26 -0.94
CA VAL A 195 6.41 2.20 -1.17
C VAL A 195 5.29 1.92 -0.18
N ASP A 196 5.06 0.64 0.12
CA ASP A 196 4.02 0.28 1.08
C ASP A 196 4.30 0.90 2.45
N LYS A 197 5.54 0.82 2.93
CA LYS A 197 5.87 1.42 4.23
C LYS A 197 5.62 2.92 4.21
N LEU A 198 5.96 3.58 3.11
CA LEU A 198 5.72 5.01 3.00
C LEU A 198 4.23 5.32 3.02
N ARG A 199 3.44 4.59 2.22
CA ARG A 199 2.00 4.82 2.21
C ARG A 199 1.39 4.60 3.58
N GLN A 200 1.84 3.57 4.30
CA GLN A 200 1.30 3.30 5.63
C GLN A 200 1.54 4.47 6.57
N LYS A 201 2.75 5.03 6.51
CA LYS A 201 3.07 6.17 7.36
C LYS A 201 2.23 7.38 6.98
N LEU A 202 2.13 7.66 5.69
CA LEU A 202 1.30 8.77 5.24
C LEU A 202 -0.15 8.58 5.65
N ASP A 203 -0.70 7.37 5.49
CA ASP A 203 -2.08 7.14 5.88
C ASP A 203 -2.26 7.38 7.38
N SER A 204 -1.26 7.01 8.19
CA SER A 204 -1.37 7.23 9.62
CA SER A 204 -1.36 7.23 9.62
C SER A 204 -1.38 8.72 9.95
N TRP A 205 -0.61 9.51 9.21
CA TRP A 205 -0.54 10.93 9.47
C TRP A 205 -1.78 11.66 8.95
N PHE A 206 -2.30 11.23 7.80
CA PHE A 206 -3.49 11.87 7.25
C PHE A 206 -4.78 11.40 7.92
N ASN A 207 -4.68 10.46 8.85
CA ASN A 207 -5.80 10.08 9.70
C ASN A 207 -6.03 11.08 10.83
N GLU A 208 -5.08 12.00 11.06
CA GLU A 208 -5.09 12.90 12.21
C GLU A 208 -5.69 14.24 11.81
N ILE A 209 -7.01 14.26 11.71
CA ILE A 209 -7.72 15.45 11.23
C ILE A 209 -7.69 16.54 12.30
N PRO A 210 -7.38 17.80 11.96
CA PRO A 210 -7.44 18.88 12.95
C PRO A 210 -8.82 18.97 13.57
N PRO A 211 -8.91 18.94 14.90
CA PRO A 211 -10.23 18.94 15.55
C PRO A 211 -11.12 20.11 15.13
N GLN A 212 -10.53 21.28 14.90
CA GLN A 212 -11.32 22.44 14.50
C GLN A 212 -11.76 22.38 13.04
N GLU A 213 -11.29 21.38 12.28
CA GLU A 213 -11.71 21.16 10.90
C GLU A 213 -12.57 19.92 10.74
N ALA A 214 -12.89 19.23 11.83
CA ALA A 214 -13.71 18.03 11.77
C ALA A 214 -15.09 18.28 12.35
N HIS B 7 20.14 -5.55 -6.73
CA HIS B 7 19.76 -6.69 -5.90
C HIS B 7 18.24 -6.81 -5.81
N HIS B 8 17.75 -8.04 -5.67
CA HIS B 8 16.30 -8.29 -5.61
C HIS B 8 15.70 -7.67 -4.36
N MET B 9 14.50 -7.11 -4.53
CA MET B 9 13.73 -6.58 -3.42
C MET B 9 12.26 -6.93 -3.64
N LEU B 10 11.50 -6.88 -2.55
CA LEU B 10 10.05 -7.08 -2.61
C LEU B 10 9.39 -5.92 -3.35
N THR B 11 8.85 -6.19 -4.53
CA THR B 11 8.22 -5.16 -5.35
C THR B 11 6.81 -4.84 -4.88
N ASN B 12 6.49 -3.56 -4.80
CA ASN B 12 5.11 -3.11 -4.57
C ASN B 12 4.49 -2.85 -5.94
N TRP B 13 3.67 -3.79 -6.40
CA TRP B 13 3.11 -3.70 -7.74
C TRP B 13 2.05 -2.60 -7.78
N ASN B 14 1.86 -2.04 -8.98
CA ASN B 14 0.85 -1.00 -9.17
C ASN B 14 -0.47 -1.65 -9.58
N TYR B 15 -1.33 -1.88 -8.58
CA TYR B 15 -2.59 -2.56 -8.85
C TYR B 15 -3.57 -1.65 -9.58
N GLN B 16 -3.31 -0.34 -9.61
CA GLN B 16 -4.24 0.53 -10.32
C GLN B 16 -4.10 0.43 -11.84
N LEU B 17 -3.04 -0.21 -12.34
CA LEU B 17 -2.87 -0.40 -13.77
C LEU B 17 -3.41 -1.75 -14.26
N THR B 18 -4.01 -2.53 -13.37
CA THR B 18 -4.51 -3.86 -13.72
C THR B 18 -5.49 -3.76 -14.87
N HIS B 19 -5.42 -4.71 -15.81
CA HIS B 19 -6.28 -4.68 -16.98
C HIS B 19 -6.90 -6.06 -17.22
N PHE B 20 -8.04 -6.06 -17.90
CA PHE B 20 -8.70 -7.31 -18.23
C PHE B 20 -7.92 -8.06 -19.29
N VAL B 21 -7.78 -9.38 -19.14
CA VAL B 21 -7.10 -10.27 -20.11
CA VAL B 21 -7.13 -10.21 -20.15
C VAL B 21 -8.10 -11.15 -20.84
N THR B 22 -8.86 -11.95 -20.09
CA THR B 22 -9.74 -12.90 -20.75
C THR B 22 -10.71 -13.46 -19.73
N SER B 23 -11.74 -14.13 -20.24
CA SER B 23 -12.68 -14.87 -19.43
C SER B 23 -12.67 -16.33 -19.87
N ALA B 24 -13.20 -17.19 -19.01
CA ALA B 24 -13.25 -18.60 -19.36
C ALA B 24 -14.43 -19.26 -18.69
N PRO B 25 -15.12 -20.16 -19.38
CA PRO B 25 -16.28 -20.85 -18.75
C PRO B 25 -15.90 -21.94 -17.79
N ASP B 26 -14.66 -22.42 -17.82
CA ASP B 26 -14.21 -23.53 -17.00
C ASP B 26 -12.68 -23.54 -17.04
N ILE B 27 -12.09 -24.37 -16.18
CA ILE B 27 -10.63 -24.37 -16.08
C ILE B 27 -9.98 -24.95 -17.33
N ARG B 28 -10.71 -25.77 -18.08
CA ARG B 28 -10.17 -26.32 -19.32
C ARG B 28 -9.97 -25.26 -20.39
N HIS B 29 -10.62 -24.10 -20.26
CA HIS B 29 -10.49 -23.03 -21.24
C HIS B 29 -9.75 -21.82 -20.68
N LEU B 30 -9.01 -22.00 -19.60
CA LEU B 30 -8.13 -20.97 -19.08
C LEU B 30 -6.87 -20.85 -19.91
N PRO B 31 -6.18 -19.71 -19.84
CA PRO B 31 -4.87 -19.61 -20.52
C PRO B 31 -3.81 -20.47 -19.85
N ALA B 32 -2.61 -20.47 -20.42
CA ALA B 32 -1.53 -21.33 -19.95
C ALA B 32 -1.35 -21.24 -18.44
N ASP B 33 -1.10 -22.40 -17.83
CA ASP B 33 -0.97 -22.54 -16.39
C ASP B 33 0.47 -22.21 -15.98
N THR B 34 0.82 -20.92 -16.16
CA THR B 34 2.17 -20.41 -15.92
C THR B 34 2.07 -19.11 -15.14
N GLY B 35 3.22 -18.57 -14.75
CA GLY B 35 3.20 -17.33 -13.98
C GLY B 35 2.60 -17.54 -12.59
N ILE B 36 1.90 -16.51 -12.10
CA ILE B 36 1.31 -16.51 -10.76
C ILE B 36 -0.11 -15.99 -10.86
N GLU B 37 -1.05 -16.74 -10.30
CA GLU B 37 -2.43 -16.29 -10.14
C GLU B 37 -2.78 -16.17 -8.67
N VAL B 38 -3.56 -15.14 -8.34
CA VAL B 38 -4.19 -14.99 -7.04
C VAL B 38 -5.69 -14.92 -7.31
N ALA B 39 -6.44 -15.80 -6.67
CA ALA B 39 -7.88 -15.90 -6.92
C ALA B 39 -8.68 -15.19 -5.82
N PHE B 40 -9.87 -14.73 -6.21
CA PHE B 40 -10.81 -14.04 -5.33
C PHE B 40 -12.15 -14.76 -5.40
N ALA B 41 -12.75 -15.03 -4.24
CA ALA B 41 -14.01 -15.78 -4.18
C ALA B 41 -14.85 -15.29 -3.02
N GLY B 42 -16.16 -15.52 -3.12
CA GLY B 42 -17.05 -15.21 -2.02
C GLY B 42 -18.49 -15.44 -2.43
N ARG B 43 -19.37 -15.36 -1.43
CA ARG B 43 -20.80 -15.42 -1.72
C ARG B 43 -21.18 -14.23 -2.61
N SER B 44 -22.10 -14.47 -3.54
N SER B 44 -22.11 -14.47 -3.53
CA SER B 44 -22.70 -13.35 -4.25
CA SER B 44 -22.72 -13.35 -4.24
C SER B 44 -23.21 -12.32 -3.26
C SER B 44 -23.20 -12.31 -3.24
N ASN B 45 -22.92 -11.05 -3.53
CA ASN B 45 -23.25 -9.88 -2.72
C ASN B 45 -22.31 -9.67 -1.54
N ALA B 46 -21.27 -10.49 -1.35
CA ALA B 46 -20.35 -10.28 -0.24
C ALA B 46 -19.50 -9.02 -0.40
N GLY B 47 -19.33 -8.53 -1.61
CA GLY B 47 -18.49 -7.37 -1.86
C GLY B 47 -17.24 -7.63 -2.66
N LYS B 48 -17.20 -8.70 -3.45
CA LYS B 48 -15.99 -9.08 -4.18
C LYS B 48 -15.68 -8.09 -5.30
N SER B 49 -16.67 -7.75 -6.12
CA SER B 49 -16.38 -6.83 -7.22
C SER B 49 -16.00 -5.46 -6.67
N SER B 50 -16.70 -5.00 -5.62
CA SER B 50 -16.33 -3.72 -5.01
C SER B 50 -14.89 -3.73 -4.51
N ALA B 51 -14.47 -4.85 -3.91
CA ALA B 51 -13.11 -4.92 -3.37
C ALA B 51 -12.08 -4.87 -4.49
N LEU B 52 -12.32 -5.60 -5.58
CA LEU B 52 -11.41 -5.57 -6.72
C LEU B 52 -11.38 -4.19 -7.35
N ASN B 53 -12.55 -3.54 -7.44
CA ASN B 53 -12.62 -2.21 -8.02
C ASN B 53 -11.96 -1.18 -7.11
N THR B 54 -12.03 -1.37 -5.80
CA THR B 54 -11.32 -0.48 -4.88
C THR B 54 -9.81 -0.67 -5.00
N LEU B 55 -9.35 -1.94 -4.98
CA LEU B 55 -7.92 -2.24 -5.10
C LEU B 55 -7.31 -1.59 -6.34
N THR B 56 -8.03 -1.64 -7.46
CA THR B 56 -7.50 -1.22 -8.75
C THR B 56 -7.89 0.19 -9.12
N ASN B 57 -8.63 0.88 -8.25
CA ASN B 57 -9.18 2.22 -8.50
C ASN B 57 -9.87 2.29 -9.87
N GLN B 58 -10.78 1.35 -10.11
CA GLN B 58 -11.52 1.32 -11.36
C GLN B 58 -12.97 1.00 -11.06
N LYS B 59 -13.88 1.75 -11.66
CA LYS B 59 -15.29 1.63 -11.28
C LYS B 59 -15.92 0.33 -11.78
N ASN B 60 -15.41 -0.21 -12.90
CA ASN B 60 -16.10 -1.31 -13.56
C ASN B 60 -15.11 -2.35 -14.09
N LEU B 61 -13.94 -2.47 -13.46
CA LEU B 61 -13.03 -3.53 -13.86
C LEU B 61 -13.65 -4.90 -13.57
N ALA B 62 -14.07 -5.10 -12.32
CA ALA B 62 -14.79 -6.30 -11.94
CA ALA B 62 -14.79 -6.30 -11.94
C ALA B 62 -16.28 -6.06 -12.08
N ARG B 63 -16.98 -7.03 -12.65
CA ARG B 63 -18.38 -6.90 -13.00
C ARG B 63 -19.24 -7.86 -12.20
N THR B 64 -20.48 -7.45 -11.98
CA THR B 64 -21.53 -8.32 -11.47
CA THR B 64 -21.53 -8.31 -11.45
C THR B 64 -22.83 -7.93 -12.15
N SER B 65 -23.59 -8.94 -12.57
CA SER B 65 -24.84 -8.69 -13.26
C SER B 65 -25.94 -8.29 -12.28
N GLN B 72 -21.37 -17.20 -14.71
CA GLN B 72 -20.58 -18.34 -14.29
C GLN B 72 -19.20 -18.36 -14.94
N LEU B 73 -18.78 -17.20 -15.45
CA LEU B 73 -17.48 -17.08 -16.11
C LEU B 73 -16.41 -16.74 -15.10
N ILE B 74 -15.24 -17.35 -15.28
CA ILE B 74 -14.04 -16.92 -14.57
C ILE B 74 -13.46 -15.73 -15.32
N ASN B 75 -13.07 -14.68 -14.60
CA ASN B 75 -12.52 -13.48 -15.21
C ASN B 75 -11.09 -13.28 -14.74
N LEU B 76 -10.18 -13.07 -15.69
CA LEU B 76 -8.76 -12.95 -15.39
C LEU B 76 -8.28 -11.56 -15.75
N PHE B 77 -7.50 -10.98 -14.85
CA PHE B 77 -6.98 -9.63 -14.95
C PHE B 77 -5.48 -9.71 -14.77
N GLU B 78 -4.74 -8.83 -15.45
CA GLU B 78 -3.29 -8.86 -15.40
C GLU B 78 -2.79 -7.61 -14.69
N VAL B 79 -2.00 -7.83 -13.63
CA VAL B 79 -1.31 -6.74 -12.96
C VAL B 79 -0.04 -6.38 -13.71
N ALA B 80 0.68 -7.39 -14.14
CA ALA B 80 1.90 -7.27 -14.92
C ALA B 80 2.10 -8.61 -15.61
N GLU B 81 3.05 -8.66 -16.55
CA GLU B 81 3.27 -9.91 -17.27
CA GLU B 81 3.27 -9.91 -17.27
C GLU B 81 3.48 -11.06 -16.30
N GLY B 82 2.68 -12.11 -16.47
CA GLY B 82 2.79 -13.29 -15.62
C GLY B 82 2.23 -13.16 -14.22
N LYS B 83 1.47 -12.10 -13.93
CA LYS B 83 0.92 -11.89 -12.60
C LYS B 83 -0.54 -11.49 -12.73
N ARG B 84 -1.44 -12.40 -12.36
CA ARG B 84 -2.86 -12.26 -12.67
C ARG B 84 -3.72 -12.36 -11.43
N LEU B 85 -4.79 -11.55 -11.40
CA LEU B 85 -5.87 -11.71 -10.43
C LEU B 85 -6.99 -12.49 -11.11
N VAL B 86 -7.58 -13.44 -10.40
CA VAL B 86 -8.61 -14.30 -10.95
C VAL B 86 -9.88 -14.11 -10.15
N ASP B 87 -10.94 -13.64 -10.82
CA ASP B 87 -12.23 -13.37 -10.20
C ASP B 87 -13.11 -14.60 -10.41
N LEU B 88 -13.34 -15.37 -9.33
CA LEU B 88 -14.14 -16.58 -9.48
C LEU B 88 -15.62 -16.25 -9.25
N PRO B 89 -16.52 -16.82 -10.05
CA PRO B 89 -17.95 -16.46 -9.93
C PRO B 89 -18.49 -16.72 -8.53
N GLY B 90 -19.25 -15.75 -8.02
CA GLY B 90 -19.75 -15.84 -6.66
C GLY B 90 -20.65 -17.04 -6.46
N TYR B 91 -20.59 -17.61 -5.26
CA TYR B 91 -21.42 -18.76 -4.92
C TYR B 91 -22.58 -18.34 -4.02
N GLY B 92 -23.36 -19.33 -3.60
CA GLY B 92 -24.60 -19.03 -2.90
C GLY B 92 -25.66 -18.81 -3.95
N TYR B 93 -25.97 -19.89 -4.68
CA TYR B 93 -26.77 -19.84 -5.90
C TYR B 93 -28.24 -19.84 -5.52
N ALA B 94 -28.77 -18.65 -5.27
CA ALA B 94 -30.17 -18.52 -4.87
C ALA B 94 -31.09 -18.94 -6.01
N GLN B 95 -31.97 -19.90 -5.74
CA GLN B 95 -32.99 -20.39 -6.67
C GLN B 95 -32.41 -21.08 -7.90
N VAL B 96 -31.12 -21.40 -7.90
CA VAL B 96 -30.51 -22.15 -8.99
C VAL B 96 -30.82 -23.63 -8.77
N PRO B 97 -31.06 -24.41 -9.83
CA PRO B 97 -31.40 -25.83 -9.63
C PRO B 97 -30.25 -26.58 -9.00
N GLU B 98 -30.59 -27.57 -8.16
CA GLU B 98 -29.59 -28.28 -7.37
C GLU B 98 -28.51 -28.92 -8.23
N GLU B 99 -28.87 -29.37 -9.45
CA GLU B 99 -27.88 -29.95 -10.34
C GLU B 99 -26.85 -28.92 -10.77
N MET B 100 -27.30 -27.72 -11.14
CA MET B 100 -26.38 -26.67 -11.54
C MET B 100 -25.56 -26.16 -10.36
N LYS B 101 -26.14 -26.14 -9.16
CA LYS B 101 -25.42 -25.71 -7.98
C LYS B 101 -24.23 -26.62 -7.70
N ILE B 102 -24.45 -27.93 -7.74
CA ILE B 102 -23.38 -28.89 -7.47
C ILE B 102 -22.27 -28.74 -8.49
N LYS B 103 -22.62 -28.59 -9.77
CA LYS B 103 -21.61 -28.49 -10.83
C LYS B 103 -20.77 -27.24 -10.66
N TRP B 104 -21.40 -26.11 -10.32
CA TRP B 104 -20.65 -24.87 -10.18
C TRP B 104 -19.78 -24.87 -8.94
N GLN B 105 -20.25 -25.50 -7.85
CA GLN B 105 -19.41 -25.66 -6.67
C GLN B 105 -18.19 -26.54 -6.98
N ARG B 106 -18.41 -27.63 -7.71
CA ARG B 106 -17.29 -28.51 -8.08
C ARG B 106 -16.27 -27.78 -8.93
N ALA B 107 -16.75 -26.91 -9.84
CA ALA B 107 -15.83 -26.18 -10.71
C ALA B 107 -14.88 -25.28 -9.90
N LEU B 108 -15.39 -24.64 -8.84
CA LEU B 108 -14.53 -23.84 -7.97
C LEU B 108 -13.47 -24.71 -7.30
N GLY B 109 -13.87 -25.87 -6.78
CA GLY B 109 -12.92 -26.75 -6.16
C GLY B 109 -11.88 -27.25 -7.15
N GLU B 110 -12.32 -27.57 -8.37
CA GLU B 110 -11.39 -28.05 -9.39
C GLU B 110 -10.34 -26.99 -9.71
N TYR B 111 -10.75 -25.72 -9.82
CA TYR B 111 -9.78 -24.65 -10.05
C TYR B 111 -8.75 -24.62 -8.93
N LEU B 112 -9.21 -24.63 -7.67
CA LEU B 112 -8.28 -24.52 -6.55
C LEU B 112 -7.33 -25.70 -6.49
N GLU B 113 -7.81 -26.90 -6.84
CA GLU B 113 -7.00 -28.10 -6.70
CA GLU B 113 -7.00 -28.11 -6.70
C GLU B 113 -6.07 -28.32 -7.88
N LYS B 114 -6.42 -27.82 -9.07
CA LYS B 114 -5.68 -28.17 -10.27
C LYS B 114 -4.92 -27.02 -10.91
N ARG B 115 -5.13 -25.79 -10.49
CA ARG B 115 -4.43 -24.66 -11.10
C ARG B 115 -3.01 -24.57 -10.52
N LEU B 116 -2.02 -24.98 -11.30
CA LEU B 116 -0.66 -25.08 -10.75
C LEU B 116 -0.04 -23.71 -10.48
N CYS B 117 -0.47 -22.67 -11.17
CA CYS B 117 0.10 -21.34 -10.99
C CYS B 117 -0.56 -20.56 -9.86
N LEU B 118 -1.55 -21.14 -9.21
CA LEU B 118 -2.27 -20.45 -8.13
C LEU B 118 -1.41 -20.38 -6.88
N LYS B 119 -1.25 -19.17 -6.33
CA LYS B 119 -0.41 -18.97 -5.15
C LYS B 119 -1.17 -18.42 -3.95
N GLY B 120 -2.40 -17.96 -4.11
CA GLY B 120 -3.15 -17.44 -2.99
C GLY B 120 -4.62 -17.36 -3.31
N LEU B 121 -5.44 -17.44 -2.26
CA LEU B 121 -6.89 -17.30 -2.38
C LEU B 121 -7.36 -16.23 -1.41
N VAL B 122 -8.09 -15.25 -1.94
CA VAL B 122 -8.75 -14.24 -1.10
C VAL B 122 -10.22 -14.63 -1.03
N VAL B 123 -10.71 -14.92 0.19
CA VAL B 123 -12.12 -15.22 0.41
C VAL B 123 -12.75 -14.03 1.09
N LEU B 124 -13.72 -13.42 0.42
CA LEU B 124 -14.40 -12.24 0.93
C LEU B 124 -15.73 -12.67 1.56
N MET B 125 -15.98 -12.19 2.77
CA MET B 125 -17.22 -12.52 3.46
C MET B 125 -17.65 -11.35 4.35
N ASP B 126 -18.95 -11.11 4.38
CA ASP B 126 -19.53 -10.05 5.20
C ASP B 126 -19.09 -10.21 6.65
N ILE B 127 -18.51 -9.15 7.21
CA ILE B 127 -18.02 -9.20 8.58
C ILE B 127 -19.10 -9.58 9.57
N ARG B 128 -20.37 -9.31 9.25
CA ARG B 128 -21.47 -9.61 10.16
C ARG B 128 -21.87 -11.09 10.12
N HIS B 129 -21.55 -11.79 9.04
CA HIS B 129 -22.01 -13.18 8.84
C HIS B 129 -20.92 -13.99 8.18
N PRO B 130 -19.76 -14.12 8.82
CA PRO B 130 -18.67 -14.88 8.21
C PRO B 130 -18.91 -16.37 8.24
N LEU B 131 -18.20 -17.06 7.33
CA LEU B 131 -18.09 -18.51 7.32
C LEU B 131 -19.45 -19.17 7.14
N LYS B 132 -20.09 -18.79 6.04
CA LYS B 132 -21.39 -19.33 5.64
C LYS B 132 -21.31 -19.84 4.21
N ASP B 133 -22.27 -20.68 3.85
CA ASP B 133 -22.38 -21.25 2.50
C ASP B 133 -21.05 -21.92 2.16
N LEU B 134 -20.50 -21.70 0.98
CA LEU B 134 -19.28 -22.40 0.57
C LEU B 134 -18.01 -21.79 1.18
N ASP B 135 -18.11 -20.78 2.06
CA ASP B 135 -16.91 -20.14 2.62
C ASP B 135 -15.93 -21.18 3.17
N GLN B 136 -16.40 -22.03 4.08
CA GLN B 136 -15.48 -22.96 4.73
C GLN B 136 -14.92 -23.97 3.75
N GLN B 137 -15.74 -24.42 2.79
CA GLN B 137 -15.24 -25.37 1.80
C GLN B 137 -14.17 -24.74 0.91
N MET B 138 -14.31 -23.46 0.56
CA MET B 138 -13.28 -22.79 -0.22
C MET B 138 -11.96 -22.70 0.54
N ILE B 139 -12.02 -22.32 1.82
CA ILE B 139 -10.81 -22.27 2.63
C ILE B 139 -10.20 -23.66 2.75
N GLU B 140 -11.01 -24.68 2.99
CA GLU B 140 -10.50 -26.03 3.14
C GLU B 140 -9.83 -26.54 1.87
N TRP B 141 -10.45 -26.31 0.71
CA TRP B 141 -9.84 -26.71 -0.56
C TRP B 141 -8.49 -26.02 -0.75
N ALA B 142 -8.41 -24.74 -0.42
CA ALA B 142 -7.15 -24.04 -0.57
C ALA B 142 -6.07 -24.64 0.33
N VAL B 143 -6.39 -24.86 1.61
CA VAL B 143 -5.35 -25.37 2.51
C VAL B 143 -4.94 -26.78 2.10
N GLU B 144 -5.90 -27.61 1.63
CA GLU B 144 -5.54 -28.94 1.18
C GLU B 144 -4.58 -28.89 -0.01
N SER B 145 -4.69 -27.85 -0.84
CA SER B 145 -3.81 -27.68 -1.99
C SER B 145 -2.59 -26.83 -1.68
N ASP B 146 -2.30 -26.59 -0.40
CA ASP B 146 -1.13 -25.84 0.03
C ASP B 146 -1.14 -24.41 -0.53
N ILE B 147 -2.33 -23.81 -0.58
CA ILE B 147 -2.54 -22.43 -1.00
C ILE B 147 -2.77 -21.58 0.25
N GLN B 148 -2.00 -20.50 0.41
CA GLN B 148 -2.28 -19.54 1.49
C GLN B 148 -3.59 -18.81 1.24
N VAL B 149 -4.29 -18.47 2.33
CA VAL B 149 -5.60 -17.84 2.27
C VAL B 149 -5.56 -16.50 3.00
N LEU B 150 -6.21 -15.50 2.42
CA LEU B 150 -6.54 -14.24 3.08
C LEU B 150 -8.06 -14.13 3.13
N VAL B 151 -8.61 -14.11 4.35
CA VAL B 151 -10.03 -13.84 4.54
C VAL B 151 -10.18 -12.33 4.73
N LEU B 152 -11.01 -11.70 3.90
CA LEU B 152 -11.36 -10.30 4.07
C LEU B 152 -12.77 -10.25 4.60
N LEU B 153 -12.94 -9.66 5.78
CA LEU B 153 -14.25 -9.46 6.40
C LEU B 153 -14.76 -8.13 5.87
N THR B 154 -15.61 -8.20 4.85
CA THR B 154 -16.02 -7.03 4.09
C THR B 154 -17.13 -6.27 4.80
N LYS B 155 -17.39 -5.05 4.30
CA LYS B 155 -18.43 -4.18 4.84
C LYS B 155 -18.17 -3.88 6.32
N ALA B 156 -16.88 -3.82 6.68
CA ALA B 156 -16.51 -3.61 8.06
C ALA B 156 -16.93 -2.23 8.57
N ASP B 157 -17.24 -1.31 7.66
CA ASP B 157 -17.76 0.00 8.04
C ASP B 157 -19.13 -0.10 8.69
N LYS B 158 -19.83 -1.24 8.58
CA LYS B 158 -21.14 -1.35 9.18
C LYS B 158 -21.07 -1.63 10.68
N LEU B 159 -19.88 -1.88 11.23
CA LEU B 159 -19.70 -2.14 12.64
C LEU B 159 -18.85 -1.03 13.27
N ALA B 160 -19.18 -0.68 14.50
CA ALA B 160 -18.31 0.18 15.29
C ALA B 160 -17.01 -0.57 15.60
N SER B 161 -16.00 0.20 16.01
CA SER B 161 -14.64 -0.35 16.11
C SER B 161 -14.58 -1.54 17.05
N GLY B 162 -15.28 -1.47 18.19
CA GLY B 162 -15.24 -2.57 19.14
C GLY B 162 -15.85 -3.85 18.57
N ALA B 163 -17.06 -3.75 18.00
CA ALA B 163 -17.70 -4.92 17.42
C ALA B 163 -16.92 -5.44 16.22
N ARG B 164 -16.34 -4.53 15.43
CA ARG B 164 -15.49 -4.94 14.31
C ARG B 164 -14.34 -5.81 14.79
N LYS B 165 -13.61 -5.35 15.81
CA LYS B 165 -12.50 -6.12 16.34
C LYS B 165 -12.96 -7.46 16.90
N ALA B 166 -14.12 -7.48 17.55
CA ALA B 166 -14.64 -8.74 18.10
C ALA B 166 -14.92 -9.75 16.99
N GLN B 167 -15.49 -9.30 15.87
CA GLN B 167 -15.73 -10.22 14.75
C GLN B 167 -14.42 -10.71 14.17
N VAL B 168 -13.44 -9.82 14.00
CA VAL B 168 -12.14 -10.21 13.48
C VAL B 168 -11.52 -11.27 14.38
N ASN B 169 -11.54 -11.04 15.70
CA ASN B 169 -10.93 -12.00 16.62
C ASN B 169 -11.66 -13.33 16.59
N MET B 170 -12.98 -13.31 16.45
CA MET B 170 -13.72 -14.56 16.45
C MET B 170 -13.42 -15.37 15.19
N VAL B 171 -13.26 -14.70 14.04
CA VAL B 171 -12.94 -15.44 12.81
C VAL B 171 -11.48 -15.92 12.85
N ARG B 172 -10.57 -15.12 13.42
CA ARG B 172 -9.20 -15.60 13.58
C ARG B 172 -9.15 -16.87 14.42
N GLU B 173 -9.94 -16.91 15.49
CA GLU B 173 -10.00 -18.13 16.29
C GLU B 173 -10.58 -19.28 15.50
N ALA B 174 -11.63 -19.02 14.72
CA ALA B 174 -12.31 -20.11 14.01
C ALA B 174 -11.41 -20.73 12.94
N VAL B 175 -10.61 -19.91 12.25
CA VAL B 175 -9.86 -20.46 11.12
C VAL B 175 -8.64 -21.24 11.57
N LEU B 176 -8.33 -21.26 12.87
CA LEU B 176 -7.30 -22.18 13.37
C LEU B 176 -7.66 -23.62 13.08
N ALA B 177 -8.95 -23.92 12.90
CA ALA B 177 -9.39 -25.29 12.65
C ALA B 177 -8.99 -25.81 11.28
N PHE B 178 -8.57 -24.93 10.37
CA PHE B 178 -8.10 -25.34 9.06
C PHE B 178 -6.59 -25.60 9.12
N ASN B 179 -6.15 -26.65 8.44
CA ASN B 179 -4.74 -27.04 8.53
C ASN B 179 -3.95 -26.30 7.46
N GLY B 180 -3.78 -25.01 7.68
CA GLY B 180 -3.06 -24.19 6.73
C GLY B 180 -2.86 -22.78 7.23
N ASP B 181 -2.50 -21.90 6.29
CA ASP B 181 -2.09 -20.54 6.58
C ASP B 181 -3.26 -19.64 6.17
N VAL B 182 -3.98 -19.12 7.16
CA VAL B 182 -5.19 -18.32 6.91
C VAL B 182 -5.06 -17.02 7.70
N GLN B 183 -4.90 -15.90 7.00
CA GLN B 183 -4.87 -14.57 7.57
C GLN B 183 -6.26 -13.96 7.46
N VAL B 184 -6.64 -13.14 8.45
CA VAL B 184 -7.96 -12.53 8.51
C VAL B 184 -7.80 -11.04 8.71
N GLU B 185 -8.47 -10.24 7.88
CA GLU B 185 -8.41 -8.77 8.02
C GLU B 185 -9.78 -8.16 7.75
N PRO B 186 -10.13 -7.09 8.47
CA PRO B 186 -11.32 -6.32 8.09
C PRO B 186 -11.07 -5.50 6.83
N PHE B 187 -12.15 -5.21 6.10
CA PHE B 187 -12.01 -4.53 4.82
C PHE B 187 -13.27 -3.70 4.59
N SER B 188 -13.09 -2.51 4.01
CA SER B 188 -14.23 -1.70 3.58
C SER B 188 -13.92 -1.04 2.25
N SER B 189 -14.63 -1.49 1.20
CA SER B 189 -14.58 -0.78 -0.08
C SER B 189 -15.15 0.63 0.05
N LEU B 190 -16.20 0.78 0.87
CA LEU B 190 -16.84 2.07 1.00
C LEU B 190 -15.90 3.11 1.60
N LYS B 191 -15.20 2.75 2.68
CA LYS B 191 -14.31 3.67 3.36
C LYS B 191 -12.86 3.55 2.89
N LYS B 192 -12.60 2.72 1.88
CA LYS B 192 -11.25 2.53 1.34
C LYS B 192 -10.27 2.17 2.45
N SER B 193 -10.62 1.15 3.22
CA SER B 193 -9.87 0.76 4.39
C SER B 193 -9.56 -0.73 4.31
N GLY B 194 -8.33 -1.10 4.66
CA GLY B 194 -7.91 -2.48 4.48
C GLY B 194 -7.27 -2.74 3.14
N VAL B 195 -7.23 -1.74 2.26
CA VAL B 195 -6.61 -1.94 0.96
C VAL B 195 -5.13 -2.20 1.11
N ASP B 196 -4.48 -1.53 2.07
CA ASP B 196 -3.07 -1.78 2.32
C ASP B 196 -2.82 -3.24 2.68
N LYS B 197 -3.64 -3.81 3.57
CA LYS B 197 -3.47 -5.21 3.95
C LYS B 197 -3.59 -6.13 2.74
N LEU B 198 -4.53 -5.85 1.85
CA LEU B 198 -4.69 -6.65 0.64
C LEU B 198 -3.48 -6.50 -0.27
N ARG B 199 -3.03 -5.26 -0.51
CA ARG B 199 -1.85 -5.05 -1.34
C ARG B 199 -0.63 -5.78 -0.77
N GLN B 200 -0.45 -5.74 0.54
CA GLN B 200 0.69 -6.42 1.16
C GLN B 200 0.65 -7.91 0.89
N LYS B 201 -0.54 -8.51 0.99
CA LYS B 201 -0.66 -9.95 0.74
C LYS B 201 -0.38 -10.26 -0.72
N LEU B 202 -0.97 -9.48 -1.63
CA LEU B 202 -0.72 -9.68 -3.06
C LEU B 202 0.75 -9.52 -3.39
N ASP B 203 1.39 -8.46 -2.86
CA ASP B 203 2.81 -8.28 -3.12
C ASP B 203 3.62 -9.46 -2.62
N SER B 204 3.24 -10.02 -1.47
CA SER B 204 3.98 -11.17 -0.96
CA SER B 204 3.97 -11.17 -0.96
C SER B 204 3.81 -12.38 -1.87
N TRP B 205 2.61 -12.58 -2.40
CA TRP B 205 2.36 -13.71 -3.29
C TRP B 205 3.03 -13.52 -4.64
N PHE B 206 3.01 -12.30 -5.18
CA PHE B 206 3.65 -12.06 -6.47
C PHE B 206 5.17 -11.96 -6.37
N ASN B 207 5.72 -12.07 -5.16
CA ASN B 207 7.16 -12.17 -4.99
C ASN B 207 7.68 -13.59 -5.21
N GLU B 208 6.77 -14.56 -5.29
CA GLU B 208 7.14 -15.98 -5.32
C GLU B 208 7.17 -16.45 -6.76
N ILE B 209 8.27 -16.13 -7.45
CA ILE B 209 8.37 -16.42 -8.88
C ILE B 209 8.60 -17.92 -9.08
N PRO B 210 7.87 -18.57 -10.00
CA PRO B 210 8.16 -20.00 -10.31
C PRO B 210 9.62 -20.18 -10.66
N PRO B 211 10.31 -21.16 -10.04
CA PRO B 211 11.74 -21.31 -10.30
C PRO B 211 12.08 -21.54 -11.77
N GLN B 212 11.20 -22.22 -12.50
CA GLN B 212 11.46 -22.49 -13.91
C GLN B 212 11.19 -21.28 -14.79
N GLU B 213 10.67 -20.19 -14.22
CA GLU B 213 10.46 -18.95 -14.94
C GLU B 213 11.41 -17.85 -14.48
N ALA B 214 12.38 -18.17 -13.63
CA ALA B 214 13.33 -17.18 -13.14
C ALA B 214 14.70 -17.39 -13.76
PB GDP C . 17.07 14.19 -5.52
O1B GDP C . 15.70 14.57 -5.96
O2B GDP C . 17.14 13.86 -4.03
O3B GDP C . 18.13 15.25 -5.85
O3A GDP C . 17.50 12.84 -6.25
PA GDP C . 16.92 12.06 -7.51
O1A GDP C . 15.62 11.40 -7.21
O2A GDP C . 16.94 13.01 -8.71
O5' GDP C . 17.99 10.94 -7.72
C5' GDP C . 19.40 11.26 -7.83
C4' GDP C . 20.12 10.14 -8.52
O4' GDP C . 19.96 8.92 -7.76
C3' GDP C . 19.63 9.81 -9.94
O3' GDP C . 20.73 9.39 -10.75
C2' GDP C . 18.67 8.66 -9.70
O2' GDP C . 18.51 7.82 -10.85
C1' GDP C . 19.38 7.92 -8.57
N9 GDP C . 18.44 7.17 -7.74
C8 GDP C . 17.32 7.67 -7.13
N7 GDP C . 16.63 6.76 -6.51
C5 GDP C . 17.32 5.58 -6.72
C6 GDP C . 17.06 4.25 -6.30
O6 GDP C . 16.09 3.86 -5.65
N1 GDP C . 18.04 3.37 -6.70
C2 GDP C . 19.15 3.71 -7.43
N2 GDP C . 20.02 2.73 -7.70
N3 GDP C . 19.39 4.95 -7.86
C4 GDP C . 18.45 5.82 -7.47
C1 GOL D . 3.58 3.20 -8.43
O1 GOL D . 4.81 3.66 -8.95
C2 GOL D . 3.87 2.66 -7.01
O2 GOL D . 2.68 2.39 -6.32
C3 GOL D . 4.75 1.40 -7.22
O3 GOL D . 3.99 0.47 -7.96
PB GDP E . -20.34 -8.99 -5.21
O1B GDP E . -21.64 -9.66 -5.72
O2B GDP E . -19.69 -9.87 -4.15
O3B GDP E . -19.44 -8.61 -6.32
O3A GDP E . -20.82 -7.71 -4.41
PA GDP E . -20.72 -6.14 -4.66
O1A GDP E . -21.56 -5.79 -5.90
O2A GDP E . -19.32 -5.68 -4.64
O5' GDP E . -21.43 -5.55 -3.39
C5' GDP E . -22.77 -5.95 -3.05
C4' GDP E . -23.47 -4.84 -2.32
O4' GDP E . -22.79 -4.54 -1.08
C3' GDP E . -23.57 -3.51 -3.08
O3' GDP E . -24.80 -2.85 -2.77
C2' GDP E . -22.39 -2.73 -2.52
O2' GDP E . -22.55 -1.32 -2.61
C1' GDP E . -22.38 -3.19 -1.07
N9 GDP E . -21.03 -3.14 -0.51
C8 GDP E . -19.91 -3.69 -1.06
N7 GDP E . -18.82 -3.42 -0.39
C5 GDP E . -19.25 -2.66 0.68
C6 GDP E . -18.54 -2.06 1.77
O6 GDP E . -17.33 -2.10 1.98
N1 GDP E . -19.37 -1.40 2.65
C2 GDP E . -20.72 -1.28 2.51
N2 GDP E . -21.37 -0.58 3.45
N3 GDP E . -21.41 -1.82 1.50
C4 GDP E . -20.61 -2.48 0.63
C1 BU1 F . -10.34 3.18 -5.30
C2 BU1 F . -9.60 3.23 -3.98
C3 BU1 F . -8.09 3.12 -4.14
C4 BU1 F . -7.34 3.22 -2.82
O5 BU1 F . -11.75 3.29 -5.17
O6 BU1 F . -7.47 4.51 -2.24
C1 PGR G . -18.12 0.90 -2.61
C2 PGR G . -19.17 -0.10 -2.19
C3 PGR G . -20.22 0.53 -1.32
O1 PGR G . -17.19 0.33 -3.53
O2 PGR G . -19.78 -0.66 -3.35
#